data_8C0J
#
_entry.id   8C0J
#
_cell.length_a   237.363
_cell.length_b   237.363
_cell.length_c   237.363
_cell.angle_alpha   90.000
_cell.angle_beta   90.000
_cell.angle_gamma   90.000
#
_symmetry.space_group_name_H-M   'I 41 3 2'
#
loop_
_entity.id
_entity.type
_entity.pdbx_description
1 polymer 'N-acetylmuramoyl-L-alanine amidase'
2 polymer 'Murein hydrolase activator EnvC'
3 non-polymer 'ZINC ION'
4 non-polymer 'PHOSPHATE ION'
#
loop_
_entity_poly.entity_id
_entity_poly.type
_entity_poly.pdbx_seq_one_letter_code
_entity_poly.pdbx_strand_id
1 'polypeptide(L)'
;MDKIVIAIDAGHGGQDPGAIGPGGTREKNVTIAIARKLRTLLNADPMFKGVLTRDGDYFISVMGRSDVARKQNANFLVSI
HADAAPNRSATGASVWVLSNRRANSEMANWLEEHEKQSELLGGAGDVLANSQSDPYLSQAVLDLQFGHSQRVGYDVATNM
LGQLERIGSLHKRRPEHASLGVLRSPDIPSVLVETGFISNHGEERLLASDEYQQRLAEAIYQGLRNYFQAHPLQ
;
A,C
2 'polypeptide(L)'
;MGSSHHHHHHSQDPMSRTGGLGSPRGQAYWPVRGPTLHRYGEQLQGELRWKGMVIGASEGTEVKAIADGRVILADWLQGY
GLVVVVEHGKGDMSLYGYNQSALVSVGTQVRAGQPIALVGSSGGQGRPSLYFEIRRQGQAVNPQPWLGR
;
B
#
# COMPACT_ATOMS: atom_id res chain seq x y z
N ASP A 2 -5.52 -7.84 11.65
CA ASP A 2 -5.29 -8.91 10.66
C ASP A 2 -4.81 -8.28 9.36
N LYS A 3 -3.52 -8.49 9.01
CA LYS A 3 -2.81 -7.63 8.07
C LYS A 3 -2.95 -8.14 6.63
N ILE A 4 -2.90 -7.19 5.68
CA ILE A 4 -2.95 -7.50 4.26
C ILE A 4 -1.53 -7.76 3.77
N VAL A 5 -1.32 -8.91 3.11
CA VAL A 5 0.02 -9.42 2.82
C VAL A 5 0.37 -9.14 1.37
N ILE A 6 1.39 -8.29 1.20
CA ILE A 6 1.83 -7.83 -0.12
C ILE A 6 3.16 -8.47 -0.48
N ALA A 7 3.12 -9.38 -1.45
CA ALA A 7 4.33 -9.95 -2.01
C ALA A 7 4.95 -8.89 -2.94
N ILE A 8 6.22 -8.57 -2.68
CA ILE A 8 7.02 -7.69 -3.47
C ILE A 8 8.07 -8.54 -4.18
N ASP A 9 8.01 -8.50 -5.49
CA ASP A 9 8.81 -9.39 -6.29
C ASP A 9 9.79 -8.53 -7.08
N ALA A 10 11.02 -8.48 -6.57
CA ALA A 10 12.07 -7.77 -7.28
C ALA A 10 12.43 -8.50 -8.57
N GLY A 11 12.16 -7.88 -9.72
CA GLY A 11 12.32 -8.59 -10.98
C GLY A 11 13.77 -8.95 -11.25
N HIS A 12 13.94 -10.10 -11.93
CA HIS A 12 15.24 -10.57 -12.37
C HIS A 12 16.09 -10.88 -11.12
N GLY A 13 17.33 -11.34 -11.31
CA GLY A 13 18.19 -11.57 -10.16
C GLY A 13 19.39 -12.44 -10.49
N GLY A 14 20.40 -12.39 -9.64
CA GLY A 14 21.65 -13.11 -9.80
C GLY A 14 22.18 -13.19 -11.25
N GLN A 15 22.15 -14.42 -11.78
CA GLN A 15 22.52 -14.76 -13.14
C GLN A 15 21.91 -13.82 -14.18
N ASP A 16 20.63 -13.46 -14.00
CA ASP A 16 19.90 -12.64 -14.96
C ASP A 16 19.83 -11.23 -14.39
N PRO A 17 20.45 -10.25 -15.07
CA PRO A 17 20.54 -8.88 -14.58
C PRO A 17 19.35 -8.02 -14.99
N GLY A 18 18.55 -8.59 -15.89
CA GLY A 18 17.50 -7.88 -16.58
C GLY A 18 18.13 -7.02 -17.65
N ALA A 19 17.59 -5.82 -17.86
CA ALA A 19 18.15 -4.90 -18.81
C ALA A 19 19.20 -4.06 -18.09
N ILE A 20 20.29 -3.78 -18.79
CA ILE A 20 21.35 -2.95 -18.24
C ILE A 20 21.31 -1.64 -18.99
N GLY A 21 21.46 -0.55 -18.25
CA GLY A 21 21.43 0.77 -18.86
C GLY A 21 22.72 1.08 -19.61
N PRO A 22 22.73 2.14 -20.43
CA PRO A 22 23.95 2.60 -21.07
C PRO A 22 25.02 3.00 -20.06
N GLY A 23 24.58 3.43 -18.87
CA GLY A 23 25.51 3.74 -17.79
C GLY A 23 25.88 2.51 -16.97
N GLY A 24 25.35 1.34 -17.35
CA GLY A 24 25.76 0.08 -16.76
C GLY A 24 24.99 -0.28 -15.48
N THR A 25 23.93 0.45 -15.10
CA THR A 25 23.15 0.04 -13.93
C THR A 25 22.20 -1.08 -14.38
N ARG A 26 22.00 -2.05 -13.48
CA ARG A 26 21.41 -3.33 -13.85
C ARG A 26 19.98 -3.44 -13.30
N GLU A 27 19.01 -3.81 -14.13
CA GLU A 27 17.60 -3.88 -13.72
C GLU A 27 17.50 -4.48 -12.31
N LYS A 28 18.10 -5.66 -12.15
CA LYS A 28 17.94 -6.43 -10.93
C LYS A 28 18.31 -5.60 -9.69
N ASN A 29 19.36 -4.79 -9.79
CA ASN A 29 19.85 -4.11 -8.61
C ASN A 29 19.00 -2.87 -8.34
N VAL A 30 18.15 -2.49 -9.31
CA VAL A 30 17.16 -1.45 -9.10
C VAL A 30 15.98 -2.10 -8.42
N THR A 31 15.43 -3.13 -9.10
CA THR A 31 14.16 -3.68 -8.66
C THR A 31 14.23 -4.01 -7.16
N ILE A 32 15.29 -4.73 -6.74
CA ILE A 32 15.38 -5.14 -5.35
C ILE A 32 15.48 -3.92 -4.42
N ALA A 33 16.22 -2.89 -4.86
CA ALA A 33 16.47 -1.74 -4.00
C ALA A 33 15.18 -0.98 -3.78
N ILE A 34 14.30 -0.99 -4.81
CA ILE A 34 12.94 -0.44 -4.65
C ILE A 34 12.14 -1.33 -3.71
N ALA A 35 12.08 -2.63 -4.08
CA ALA A 35 11.29 -3.60 -3.33
C ALA A 35 11.59 -3.52 -1.83
N ARG A 36 12.84 -3.32 -1.42
CA ARG A 36 13.11 -3.24 0.00
C ARG A 36 12.49 -1.98 0.61
N LYS A 37 12.57 -0.84 -0.10
CA LYS A 37 11.97 0.40 0.36
C LYS A 37 10.47 0.26 0.44
N LEU A 38 9.89 -0.49 -0.50
CA LEU A 38 8.47 -0.78 -0.45
C LEU A 38 8.11 -1.68 0.75
N ARG A 39 8.91 -2.74 0.99
CA ARG A 39 8.69 -3.56 2.17
C ARG A 39 8.72 -2.66 3.40
N THR A 40 9.71 -1.76 3.50
CA THR A 40 9.80 -0.89 4.67
C THR A 40 8.53 -0.06 4.83
N LEU A 41 8.05 0.54 3.72
CA LEU A 41 6.86 1.40 3.78
C LEU A 41 5.60 0.61 4.09
N LEU A 42 5.52 -0.66 3.64
CA LEU A 42 4.39 -1.50 3.94
C LEU A 42 4.41 -2.02 5.39
N ASN A 43 5.54 -2.56 5.85
CA ASN A 43 5.63 -3.05 7.22
C ASN A 43 5.45 -1.90 8.21
N ALA A 44 5.78 -0.67 7.81
CA ALA A 44 5.47 0.53 8.58
C ALA A 44 3.96 0.68 8.80
N ASP A 45 3.15 0.27 7.82
CA ASP A 45 1.71 0.51 7.86
C ASP A 45 0.99 -0.67 8.51
N PRO A 46 0.28 -0.48 9.64
CA PRO A 46 -0.31 -1.61 10.36
C PRO A 46 -1.42 -2.32 9.58
N MET A 47 -1.84 -1.74 8.46
CA MET A 47 -2.82 -2.37 7.59
C MET A 47 -2.16 -3.52 6.82
N PHE A 48 -0.84 -3.38 6.59
CA PHE A 48 -0.12 -4.20 5.64
C PHE A 48 1.06 -4.93 6.29
N LYS A 49 1.39 -6.07 5.69
CA LYS A 49 2.70 -6.67 5.85
C LYS A 49 3.28 -6.88 4.46
N GLY A 50 4.48 -6.33 4.26
CA GLY A 50 5.24 -6.52 3.03
C GLY A 50 6.21 -7.69 3.15
N VAL A 51 6.22 -8.58 2.15
CA VAL A 51 7.15 -9.71 2.15
C VAL A 51 7.80 -9.81 0.78
N LEU A 52 9.01 -10.40 0.70
CA LEU A 52 9.77 -10.43 -0.55
C LEU A 52 9.72 -11.79 -1.22
N THR A 53 9.52 -11.83 -2.56
CA THR A 53 9.71 -13.09 -3.27
C THR A 53 11.19 -13.33 -3.52
N ARG A 54 11.99 -12.26 -3.64
CA ARG A 54 13.42 -12.39 -3.78
C ARG A 54 14.04 -11.43 -2.76
N ASP A 55 14.99 -11.94 -1.95
CA ASP A 55 15.54 -11.22 -0.82
C ASP A 55 17.04 -11.13 -0.93
N GLY A 56 17.54 -11.22 -2.15
CA GLY A 56 18.94 -10.90 -2.42
C GLY A 56 19.28 -11.12 -3.89
N ASP A 57 20.57 -11.08 -4.19
CA ASP A 57 21.06 -11.20 -5.55
C ASP A 57 21.31 -12.67 -5.85
N TYR A 58 20.26 -13.33 -6.32
CA TYR A 58 20.31 -14.67 -6.85
C TYR A 58 19.30 -14.81 -7.98
N PHE A 59 19.38 -15.91 -8.71
CA PHE A 59 18.37 -16.19 -9.71
C PHE A 59 17.23 -16.90 -9.00
N ILE A 60 16.01 -16.65 -9.46
CA ILE A 60 14.84 -17.36 -8.97
C ILE A 60 13.79 -17.44 -10.07
N SER A 61 13.29 -18.65 -10.29
CA SER A 61 12.37 -18.87 -11.39
C SER A 61 11.02 -18.24 -11.08
N VAL A 62 10.32 -17.92 -12.17
CA VAL A 62 8.94 -17.51 -12.11
C VAL A 62 8.22 -18.34 -11.05
N MET A 63 8.17 -19.67 -11.26
CA MET A 63 7.52 -20.60 -10.32
C MET A 63 7.86 -20.21 -8.90
N GLY A 64 9.17 -20.10 -8.65
CA GLY A 64 9.71 -19.97 -7.30
C GLY A 64 9.22 -18.70 -6.61
N ARG A 65 9.12 -17.61 -7.38
CA ARG A 65 8.59 -16.36 -6.84
C ARG A 65 7.12 -16.53 -6.48
N SER A 66 6.39 -17.39 -7.22
CA SER A 66 5.04 -17.79 -6.85
C SER A 66 5.09 -18.55 -5.53
N ASP A 67 5.84 -19.65 -5.52
CA ASP A 67 5.84 -20.56 -4.38
C ASP A 67 6.22 -19.83 -3.10
N VAL A 68 7.06 -18.79 -3.20
CA VAL A 68 7.39 -17.99 -2.02
C VAL A 68 6.18 -17.17 -1.55
N ALA A 69 5.50 -16.51 -2.50
CA ALA A 69 4.36 -15.68 -2.15
C ALA A 69 3.24 -16.55 -1.61
N ARG A 70 3.05 -17.75 -2.18
CA ARG A 70 2.07 -18.68 -1.65
C ARG A 70 2.50 -19.13 -0.26
N LYS A 71 3.77 -19.53 -0.10
CA LYS A 71 4.23 -19.99 1.21
C LYS A 71 4.23 -18.85 2.22
N GLN A 72 4.14 -17.58 1.79
CA GLN A 72 3.99 -16.49 2.75
C GLN A 72 2.52 -16.04 2.87
N ASN A 73 1.57 -16.86 2.36
CA ASN A 73 0.16 -16.50 2.32
C ASN A 73 -0.01 -15.07 1.82
N ALA A 74 0.44 -14.80 0.59
CA ALA A 74 0.31 -13.45 0.07
C ALA A 74 -1.11 -13.24 -0.43
N ASN A 75 -1.67 -12.08 -0.10
CA ASN A 75 -3.01 -11.72 -0.54
C ASN A 75 -2.91 -10.97 -1.86
N PHE A 76 -1.76 -10.34 -2.15
CA PHE A 76 -1.60 -9.63 -3.42
C PHE A 76 -0.13 -9.52 -3.79
N LEU A 77 0.16 -9.52 -5.10
CA LEU A 77 1.56 -9.47 -5.52
C LEU A 77 1.86 -8.31 -6.47
N VAL A 78 3.02 -7.69 -6.20
CA VAL A 78 3.56 -6.57 -6.94
C VAL A 78 4.92 -6.98 -7.48
N SER A 79 5.05 -7.10 -8.80
CA SER A 79 6.36 -7.29 -9.38
C SER A 79 6.94 -5.94 -9.75
N ILE A 80 8.23 -5.76 -9.50
CA ILE A 80 8.86 -4.51 -9.85
C ILE A 80 9.88 -4.76 -10.96
N HIS A 81 9.84 -3.93 -12.00
CA HIS A 81 10.77 -4.05 -13.12
C HIS A 81 11.23 -2.68 -13.61
N ALA A 82 12.20 -2.72 -14.52
CA ALA A 82 12.52 -1.61 -15.38
C ALA A 82 12.27 -2.04 -16.83
N ASP A 83 11.60 -1.16 -17.57
CA ASP A 83 11.36 -1.29 -18.99
C ASP A 83 12.68 -0.95 -19.69
N ALA A 84 12.79 -1.37 -20.95
CA ALA A 84 13.90 -0.94 -21.81
C ALA A 84 13.50 -1.12 -23.27
N ALA A 85 13.75 -0.10 -24.09
CA ALA A 85 13.35 -0.18 -25.48
C ALA A 85 14.56 -0.07 -26.39
N PRO A 86 14.40 -0.34 -27.71
CA PRO A 86 15.38 0.12 -28.71
C PRO A 86 15.41 1.66 -28.75
N ASN A 87 14.21 2.25 -28.81
CA ASN A 87 13.98 3.68 -28.86
C ASN A 87 14.47 4.31 -27.56
N ARG A 88 15.71 4.83 -27.57
CA ARG A 88 16.40 5.25 -26.35
C ARG A 88 15.71 6.43 -25.66
N SER A 89 14.86 7.17 -26.39
CA SER A 89 14.12 8.28 -25.80
C SER A 89 12.74 7.85 -25.34
N ALA A 90 12.39 6.58 -25.48
CA ALA A 90 11.16 6.07 -24.90
C ALA A 90 11.37 5.96 -23.39
N THR A 91 10.44 6.61 -22.65
CA THR A 91 10.50 6.77 -21.21
C THR A 91 9.14 6.46 -20.59
N GLY A 92 9.14 6.26 -19.27
CA GLY A 92 7.92 6.42 -18.48
C GLY A 92 7.46 5.13 -17.82
N ALA A 93 6.81 5.30 -16.66
CA ALA A 93 6.34 4.16 -15.90
C ALA A 93 5.20 3.45 -16.65
N SER A 94 5.01 2.16 -16.38
CA SER A 94 3.92 1.42 -16.97
C SER A 94 3.37 0.49 -15.90
N VAL A 95 2.10 0.07 -16.03
CA VAL A 95 1.61 -0.99 -15.16
C VAL A 95 0.82 -2.06 -15.91
N TRP A 96 1.13 -3.29 -15.52
CA TRP A 96 0.64 -4.46 -16.21
C TRP A 96 -0.21 -5.28 -15.25
N VAL A 97 -1.25 -5.91 -15.79
CA VAL A 97 -2.13 -6.74 -14.99
C VAL A 97 -2.12 -8.15 -15.58
N LEU A 98 -1.96 -9.12 -14.69
CA LEU A 98 -1.32 -10.40 -14.98
C LEU A 98 -2.36 -11.51 -14.88
N SER A 99 -1.92 -12.77 -15.04
CA SER A 99 -2.86 -13.86 -15.15
C SER A 99 -2.23 -15.22 -14.78
N ASN A 100 -2.66 -16.27 -15.50
CA ASN A 100 -2.50 -17.65 -15.09
C ASN A 100 -2.08 -18.51 -16.29
N ASP A 134 -15.73 -33.05 -10.78
CA ASP A 134 -16.62 -32.46 -11.81
C ASP A 134 -15.90 -31.31 -12.50
N PRO A 135 -15.22 -31.57 -13.65
CA PRO A 135 -14.19 -30.65 -14.15
C PRO A 135 -14.82 -29.33 -14.58
N TYR A 136 -16.15 -29.39 -14.83
CA TYR A 136 -16.88 -28.24 -15.30
C TYR A 136 -17.17 -27.28 -14.15
N LEU A 137 -17.08 -27.76 -12.90
CA LEU A 137 -17.08 -26.91 -11.70
C LEU A 137 -15.65 -26.52 -11.33
N SER A 138 -14.78 -27.55 -11.33
CA SER A 138 -13.35 -27.37 -11.22
C SER A 138 -12.92 -26.11 -11.96
N GLN A 139 -13.24 -26.03 -13.26
CA GLN A 139 -12.87 -24.86 -14.05
C GLN A 139 -13.63 -23.63 -13.53
N ALA A 140 -14.96 -23.76 -13.39
CA ALA A 140 -15.84 -22.62 -13.15
C ALA A 140 -15.32 -21.77 -12.00
N VAL A 141 -14.84 -22.45 -10.94
CA VAL A 141 -14.41 -21.71 -9.77
C VAL A 141 -13.13 -20.92 -10.07
N LEU A 142 -12.17 -21.55 -10.77
CA LEU A 142 -10.96 -20.87 -11.19
C LEU A 142 -11.33 -19.68 -12.06
N ASP A 143 -12.36 -19.89 -12.88
CA ASP A 143 -12.80 -18.93 -13.89
C ASP A 143 -13.47 -17.73 -13.22
N LEU A 144 -14.07 -17.93 -12.03
CA LEU A 144 -14.54 -16.81 -11.24
C LEU A 144 -13.35 -16.08 -10.60
N GLN A 145 -12.47 -16.87 -9.96
CA GLN A 145 -11.37 -16.27 -9.22
C GLN A 145 -10.48 -15.43 -10.14
N PHE A 146 -10.17 -15.98 -11.33
CA PHE A 146 -9.53 -15.27 -12.43
C PHE A 146 -10.19 -13.89 -12.52
N GLY A 147 -11.51 -13.91 -12.68
CA GLY A 147 -12.31 -12.71 -12.81
C GLY A 147 -12.05 -11.71 -11.70
N HIS A 148 -12.12 -12.16 -10.43
CA HIS A 148 -11.90 -11.25 -9.31
C HIS A 148 -10.48 -10.69 -9.34
N SER A 149 -9.50 -11.61 -9.38
CA SER A 149 -8.10 -11.26 -9.45
C SER A 149 -7.90 -10.16 -10.49
N GLN A 150 -8.29 -10.46 -11.74
CA GLN A 150 -8.10 -9.53 -12.84
C GLN A 150 -8.66 -8.16 -12.52
N ARG A 151 -9.74 -8.10 -11.74
CA ARG A 151 -10.41 -6.84 -11.44
C ARG A 151 -9.61 -6.09 -10.39
N VAL A 152 -9.41 -6.73 -9.23
CA VAL A 152 -8.62 -6.11 -8.18
C VAL A 152 -7.30 -5.59 -8.76
N GLY A 153 -6.64 -6.47 -9.52
CA GLY A 153 -5.47 -6.10 -10.28
C GLY A 153 -5.64 -4.74 -10.94
N TYR A 154 -6.61 -4.67 -11.87
CA TYR A 154 -6.78 -3.47 -12.67
C TYR A 154 -6.98 -2.25 -11.76
N ASP A 155 -7.86 -2.39 -10.76
CA ASP A 155 -8.15 -1.27 -9.88
C ASP A 155 -6.86 -0.78 -9.22
N VAL A 156 -6.06 -1.75 -8.73
CA VAL A 156 -4.81 -1.43 -8.07
C VAL A 156 -3.86 -0.74 -9.04
N ALA A 157 -3.80 -1.26 -10.27
CA ALA A 157 -2.98 -0.67 -11.33
C ALA A 157 -3.35 0.79 -11.55
N THR A 158 -4.64 1.03 -11.81
CA THR A 158 -5.17 2.38 -11.86
C THR A 158 -4.60 3.21 -10.70
N ASN A 159 -4.97 2.82 -9.47
CA ASN A 159 -4.48 3.53 -8.30
C ASN A 159 -3.01 3.89 -8.46
N MET A 160 -2.18 2.87 -8.78
CA MET A 160 -0.73 3.00 -8.80
C MET A 160 -0.28 4.02 -9.84
N LEU A 161 -0.73 3.83 -11.08
CA LEU A 161 -0.42 4.78 -12.13
C LEU A 161 -0.74 6.18 -11.63
N GLY A 162 -1.92 6.29 -10.98
CA GLY A 162 -2.33 7.53 -10.35
C GLY A 162 -1.15 8.24 -9.68
N GLN A 163 -0.43 7.51 -8.83
CA GLN A 163 0.64 8.05 -8.02
C GLN A 163 1.91 8.19 -8.87
N LEU A 164 2.16 7.19 -9.73
CA LEU A 164 3.37 7.19 -10.54
C LEU A 164 3.42 8.46 -11.39
N GLU A 165 2.27 8.82 -11.98
CA GLU A 165 2.24 9.99 -12.85
C GLU A 165 2.47 11.26 -12.02
N ARG A 166 2.46 11.16 -10.69
CA ARG A 166 2.81 12.33 -9.87
C ARG A 166 4.33 12.51 -9.84
N ILE A 167 5.12 11.41 -9.97
CA ILE A 167 6.57 11.51 -9.78
C ILE A 167 7.33 11.34 -11.08
N GLY A 168 6.67 10.76 -12.10
CA GLY A 168 7.26 10.69 -13.43
C GLY A 168 6.20 10.94 -14.49
N SER A 169 6.47 10.51 -15.72
CA SER A 169 5.42 10.34 -16.72
C SER A 169 5.20 8.85 -16.96
N LEU A 170 4.05 8.56 -17.58
CA LEU A 170 3.65 7.20 -17.86
C LEU A 170 3.88 6.96 -19.35
N HIS A 171 4.49 5.83 -19.64
CA HIS A 171 4.61 5.35 -20.99
C HIS A 171 3.27 4.73 -21.39
N LYS A 172 2.40 4.41 -20.42
CA LYS A 172 1.06 3.90 -20.69
C LYS A 172 0.16 4.25 -19.50
N ARG A 173 -0.86 5.06 -19.77
CA ARG A 173 -1.58 5.69 -18.69
C ARG A 173 -2.73 4.78 -18.25
N ARG A 174 -3.01 3.74 -19.05
CA ARG A 174 -3.97 2.73 -18.68
C ARG A 174 -3.22 1.44 -18.36
N PRO A 175 -3.77 0.59 -17.49
CA PRO A 175 -3.18 -0.70 -17.16
C PRO A 175 -3.22 -1.68 -18.31
N GLU A 176 -2.06 -2.25 -18.68
CA GLU A 176 -2.02 -3.15 -19.83
C GLU A 176 -2.21 -4.59 -19.35
N HIS A 177 -3.14 -5.31 -19.97
CA HIS A 177 -3.38 -6.69 -19.57
C HIS A 177 -2.27 -7.53 -20.21
N ALA A 178 -1.87 -8.64 -19.57
CA ALA A 178 -0.81 -9.49 -20.08
C ALA A 178 -0.73 -10.77 -19.27
N SER A 179 -0.06 -11.81 -19.80
CA SER A 179 0.29 -12.97 -18.99
C SER A 179 1.78 -12.93 -18.67
N LEU A 180 2.48 -14.06 -18.84
CA LEU A 180 3.78 -14.33 -18.20
C LEU A 180 3.56 -14.54 -16.70
N GLY A 181 4.16 -13.69 -15.85
CA GLY A 181 4.43 -14.00 -14.46
C GLY A 181 3.14 -14.20 -13.66
N VAL A 182 3.28 -14.83 -12.47
CA VAL A 182 2.15 -15.32 -11.69
C VAL A 182 1.86 -16.79 -12.06
N LEU A 183 2.34 -17.20 -13.25
CA LEU A 183 2.38 -18.58 -13.74
C LEU A 183 1.01 -19.23 -13.78
N ARG A 184 0.45 -19.47 -12.58
CA ARG A 184 -0.94 -19.87 -12.40
C ARG A 184 -1.32 -19.53 -10.96
N SER A 185 -1.45 -18.22 -10.72
CA SER A 185 -2.14 -17.68 -9.56
C SER A 185 -3.44 -17.00 -10.03
N PRO A 186 -4.55 -17.77 -10.24
CA PRO A 186 -5.86 -17.17 -10.41
C PRO A 186 -6.40 -16.72 -9.05
N ASP A 187 -5.76 -17.20 -7.97
CA ASP A 187 -6.24 -16.95 -6.62
C ASP A 187 -5.60 -15.68 -6.07
N ILE A 188 -4.35 -15.36 -6.43
CA ILE A 188 -3.67 -14.17 -5.88
C ILE A 188 -3.50 -13.10 -6.96
N PRO A 189 -4.21 -11.94 -6.87
CA PRO A 189 -4.06 -10.87 -7.84
C PRO A 189 -2.65 -10.28 -7.85
N SER A 190 -2.24 -9.84 -9.04
CA SER A 190 -0.86 -9.43 -9.26
C SER A 190 -0.79 -8.25 -10.22
N VAL A 191 0.19 -7.38 -10.01
CA VAL A 191 0.48 -6.34 -10.98
C VAL A 191 1.99 -6.27 -11.23
N LEU A 192 2.35 -5.84 -12.43
CA LEU A 192 3.76 -5.62 -12.76
C LEU A 192 3.99 -4.12 -12.97
N VAL A 193 4.94 -3.55 -12.23
CA VAL A 193 5.24 -2.14 -12.35
C VAL A 193 6.54 -1.97 -13.11
N GLU A 194 6.45 -1.42 -14.34
CA GLU A 194 7.65 -0.99 -15.03
C GLU A 194 7.95 0.41 -14.52
N THR A 195 8.96 0.53 -13.67
CA THR A 195 9.24 1.75 -12.94
C THR A 195 9.74 2.89 -13.84
N GLY A 196 10.07 2.56 -15.09
CA GLY A 196 10.72 3.52 -16.00
C GLY A 196 11.56 2.79 -17.03
N PHE A 197 12.24 3.51 -17.93
CA PHE A 197 12.99 2.85 -18.98
C PHE A 197 14.46 2.99 -18.67
N ILE A 198 15.08 1.89 -18.25
CA ILE A 198 16.47 1.90 -17.84
C ILE A 198 17.35 2.07 -19.08
N SER A 199 16.74 1.89 -20.26
CA SER A 199 17.34 2.19 -21.55
C SER A 199 17.60 3.69 -21.72
N ASN A 200 16.81 4.56 -21.06
CA ASN A 200 16.92 6.00 -21.28
C ASN A 200 17.93 6.63 -20.33
N HIS A 201 19.03 7.15 -20.90
CA HIS A 201 20.19 7.62 -20.15
C HIS A 201 19.75 8.50 -18.98
N GLY A 202 18.61 9.19 -19.12
CA GLY A 202 18.07 10.05 -18.08
C GLY A 202 17.43 9.23 -16.96
N GLU A 203 16.41 8.43 -17.33
CA GLU A 203 15.63 7.66 -16.35
C GLU A 203 16.50 6.63 -15.67
N GLU A 204 17.42 6.00 -16.42
CA GLU A 204 18.45 5.17 -15.80
C GLU A 204 19.00 5.88 -14.55
N ARG A 205 19.41 7.14 -14.69
CA ARG A 205 20.04 7.84 -13.58
C ARG A 205 19.07 7.99 -12.42
N LEU A 206 17.77 8.14 -12.73
CA LEU A 206 16.77 8.33 -11.68
C LEU A 206 16.54 7.00 -10.99
N LEU A 207 16.42 5.91 -11.77
CA LEU A 207 16.22 4.57 -11.27
C LEU A 207 17.44 4.09 -10.49
N ALA A 208 18.61 4.72 -10.67
CA ALA A 208 19.72 4.40 -9.80
C ALA A 208 19.78 5.36 -8.61
N SER A 209 18.72 6.10 -8.38
CA SER A 209 18.72 7.19 -7.42
C SER A 209 17.98 6.71 -6.18
N ASP A 210 18.68 6.62 -5.04
CA ASP A 210 18.01 6.21 -3.82
C ASP A 210 16.71 6.98 -3.68
N GLU A 211 16.80 8.31 -3.79
CA GLU A 211 15.65 9.20 -3.73
C GLU A 211 14.53 8.68 -4.63
N TYR A 212 14.81 8.45 -5.92
CA TYR A 212 13.74 8.20 -6.86
C TYR A 212 13.19 6.78 -6.67
N GLN A 213 14.05 5.82 -6.36
CA GLN A 213 13.59 4.49 -5.97
C GLN A 213 12.63 4.64 -4.79
N GLN A 214 13.01 5.50 -3.83
CA GLN A 214 12.16 5.78 -2.68
C GLN A 214 10.83 6.31 -3.22
N ARG A 215 10.88 7.27 -4.15
CA ARG A 215 9.63 7.86 -4.62
C ARG A 215 8.76 6.81 -5.30
N LEU A 216 9.39 5.89 -6.04
CA LEU A 216 8.68 4.81 -6.71
C LEU A 216 8.05 3.90 -5.67
N ALA A 217 8.81 3.58 -4.61
CA ALA A 217 8.26 2.77 -3.55
C ALA A 217 7.04 3.47 -2.95
N GLU A 218 7.21 4.75 -2.63
CA GLU A 218 6.19 5.59 -2.01
C GLU A 218 4.95 5.53 -2.89
N ALA A 219 5.14 5.75 -4.19
CA ALA A 219 4.04 5.69 -5.12
C ALA A 219 3.37 4.32 -5.10
N ILE A 220 4.13 3.26 -5.34
CA ILE A 220 3.53 1.95 -5.45
C ILE A 220 2.76 1.63 -4.16
N TYR A 221 3.28 2.15 -3.03
CA TYR A 221 2.66 1.95 -1.72
C TYR A 221 1.33 2.69 -1.68
N GLN A 222 1.40 4.02 -1.83
CA GLN A 222 0.19 4.83 -1.79
C GLN A 222 -0.86 4.18 -2.69
N GLY A 223 -0.41 3.62 -3.81
CA GLY A 223 -1.32 2.99 -4.75
C GLY A 223 -2.13 1.87 -4.11
N LEU A 224 -1.45 0.98 -3.39
CA LEU A 224 -2.09 -0.12 -2.70
C LEU A 224 -2.93 0.45 -1.56
N ARG A 225 -2.30 1.29 -0.73
CA ARG A 225 -2.97 1.86 0.43
C ARG A 225 -4.33 2.40 0.02
N ASN A 226 -4.35 3.27 -1.00
CA ASN A 226 -5.59 3.85 -1.51
C ASN A 226 -6.61 2.75 -1.83
N TYR A 227 -6.19 1.67 -2.50
CA TYR A 227 -7.12 0.64 -2.86
C TYR A 227 -7.64 -0.08 -1.61
N PHE A 228 -6.74 -0.66 -0.82
CA PHE A 228 -7.16 -1.55 0.26
C PHE A 228 -7.87 -0.78 1.37
N GLN A 229 -7.40 0.44 1.63
CA GLN A 229 -8.15 1.45 2.35
C GLN A 229 -9.64 1.37 1.99
N ALA A 230 -9.95 1.47 0.69
CA ALA A 230 -11.32 1.57 0.22
C ALA A 230 -12.00 0.20 0.08
N HIS A 231 -11.24 -0.89 -0.14
CA HIS A 231 -11.82 -2.22 -0.25
C HIS A 231 -11.13 -3.19 0.70
N PRO A 232 -11.08 -2.94 2.04
CA PRO A 232 -10.33 -3.79 2.96
C PRO A 232 -10.70 -5.25 2.81
N LEU A 233 -9.84 -6.14 3.32
CA LEU A 233 -10.12 -7.56 3.29
C LEU A 233 -11.17 -7.87 4.34
N GLN A 234 -12.38 -8.11 3.83
CA GLN A 234 -13.60 -8.25 4.60
C GLN A 234 -13.79 -9.74 4.91
N GLY B 19 -31.18 -34.07 -17.49
CA GLY B 19 -29.84 -34.29 -18.08
C GLY B 19 -29.51 -33.28 -19.18
N GLY B 20 -29.86 -32.01 -18.95
CA GLY B 20 -29.51 -30.92 -19.85
C GLY B 20 -30.50 -29.76 -19.76
N LEU B 21 -29.97 -28.53 -19.79
CA LEU B 21 -30.82 -27.34 -19.81
C LEU B 21 -31.54 -27.24 -21.15
N GLY B 22 -30.99 -27.90 -22.17
CA GLY B 22 -31.48 -27.75 -23.52
C GLY B 22 -31.23 -26.33 -24.03
N SER B 23 -31.83 -26.02 -25.18
CA SER B 23 -31.46 -24.85 -25.94
C SER B 23 -32.35 -23.66 -25.53
N PRO B 24 -31.79 -22.43 -25.56
CA PRO B 24 -32.43 -21.28 -24.93
C PRO B 24 -33.82 -21.01 -25.48
N ARG B 25 -34.86 -20.94 -24.63
CA ARG B 25 -36.18 -20.69 -25.17
C ARG B 25 -37.12 -20.16 -24.10
N GLY B 26 -36.71 -19.10 -23.41
CA GLY B 26 -37.51 -18.59 -22.31
C GLY B 26 -38.14 -19.72 -21.49
N GLN B 27 -37.36 -20.77 -21.25
CA GLN B 27 -37.90 -22.02 -20.75
C GLN B 27 -37.86 -22.00 -19.22
N ALA B 28 -36.82 -21.35 -18.68
CA ALA B 28 -36.33 -21.48 -17.31
C ALA B 28 -36.89 -20.39 -16.39
N TYR B 29 -36.91 -20.64 -15.06
CA TYR B 29 -37.42 -19.61 -14.15
C TYR B 29 -36.39 -18.51 -13.96
N TRP B 30 -36.87 -17.29 -13.73
CA TRP B 30 -35.96 -16.21 -13.38
C TRP B 30 -35.42 -16.51 -11.99
N PRO B 31 -34.09 -16.60 -11.78
CA PRO B 31 -33.56 -16.80 -10.45
C PRO B 31 -34.28 -15.88 -9.48
N VAL B 32 -34.29 -14.60 -9.84
CA VAL B 32 -34.93 -13.61 -9.01
C VAL B 32 -35.41 -12.56 -10.00
N ARG B 33 -36.43 -11.78 -9.62
CA ARG B 33 -36.94 -10.73 -10.48
C ARG B 33 -36.42 -9.38 -10.05
N GLY B 34 -36.08 -8.57 -11.05
CA GLY B 34 -35.73 -7.17 -10.83
C GLY B 34 -34.96 -6.58 -12.00
N PRO B 35 -34.43 -5.34 -11.83
CA PRO B 35 -33.60 -4.71 -12.84
C PRO B 35 -32.37 -5.57 -13.16
N THR B 36 -31.95 -5.49 -14.43
CA THR B 36 -30.69 -6.02 -14.87
C THR B 36 -29.59 -4.97 -14.70
N LEU B 37 -29.00 -4.88 -13.50
CA LEU B 37 -28.00 -3.87 -13.18
C LEU B 37 -26.73 -4.01 -14.01
N HIS B 38 -26.25 -5.25 -14.23
CA HIS B 38 -25.20 -5.44 -15.20
C HIS B 38 -25.51 -6.68 -16.03
N ARG B 39 -25.03 -6.66 -17.27
CA ARG B 39 -25.60 -7.52 -18.30
C ARG B 39 -24.49 -8.43 -18.79
N TYR B 40 -24.82 -9.67 -19.15
CA TYR B 40 -23.83 -10.48 -19.86
C TYR B 40 -23.04 -9.60 -20.82
N GLY B 41 -21.72 -9.77 -20.87
CA GLY B 41 -20.92 -9.08 -21.85
C GLY B 41 -20.59 -7.64 -21.49
N GLU B 42 -21.37 -7.00 -20.62
CA GLU B 42 -21.12 -5.61 -20.30
C GLU B 42 -19.62 -5.40 -20.07
N GLN B 43 -19.04 -4.39 -20.72
CA GLN B 43 -17.68 -3.95 -20.45
C GLN B 43 -17.58 -3.67 -18.96
N LEU B 44 -16.57 -4.27 -18.32
CA LEU B 44 -16.21 -3.91 -16.95
C LEU B 44 -15.04 -2.92 -17.02
N GLN B 45 -13.88 -3.38 -17.47
CA GLN B 45 -12.73 -2.50 -17.57
C GLN B 45 -11.61 -3.23 -18.30
N GLY B 46 -10.90 -2.48 -19.15
CA GLY B 46 -9.96 -3.08 -20.07
C GLY B 46 -10.61 -4.26 -20.79
N GLU B 47 -9.90 -5.40 -20.78
CA GLU B 47 -10.40 -6.62 -21.41
C GLU B 47 -11.60 -7.18 -20.66
N LEU B 48 -11.69 -6.92 -19.36
CA LEU B 48 -12.63 -7.64 -18.53
C LEU B 48 -14.06 -7.15 -18.77
N ARG B 49 -14.92 -8.13 -19.08
CA ARG B 49 -16.33 -7.90 -19.37
C ARG B 49 -17.15 -8.98 -18.69
N TRP B 50 -18.35 -8.65 -18.17
CA TRP B 50 -19.18 -9.56 -17.37
C TRP B 50 -19.48 -10.86 -18.11
N LYS B 51 -19.58 -11.96 -17.34
CA LYS B 51 -19.91 -13.25 -17.90
C LYS B 51 -21.19 -13.76 -17.24
N GLY B 52 -21.78 -12.85 -16.47
CA GLY B 52 -23.09 -13.11 -15.93
C GLY B 52 -23.97 -11.87 -16.00
N MET B 53 -25.07 -11.94 -15.26
CA MET B 53 -25.91 -10.78 -15.06
C MET B 53 -25.92 -10.50 -13.57
N VAL B 54 -25.92 -9.22 -13.25
CA VAL B 54 -26.22 -8.80 -11.91
C VAL B 54 -27.66 -8.30 -11.93
N ILE B 55 -28.50 -8.98 -11.13
CA ILE B 55 -29.91 -8.65 -11.03
C ILE B 55 -30.22 -8.01 -9.67
N GLY B 56 -31.04 -6.96 -9.67
CA GLY B 56 -31.38 -6.28 -8.41
C GLY B 56 -32.41 -7.06 -7.62
N ALA B 57 -32.21 -7.09 -6.29
CA ALA B 57 -33.20 -7.68 -5.40
C ALA B 57 -32.93 -7.21 -3.96
N SER B 58 -33.96 -7.35 -3.12
CA SER B 58 -33.90 -6.85 -1.75
C SER B 58 -33.00 -7.78 -0.96
N GLU B 59 -32.18 -7.22 -0.08
CA GLU B 59 -31.58 -8.01 0.98
C GLU B 59 -32.53 -9.17 1.29
N GLY B 60 -32.11 -10.40 1.02
CA GLY B 60 -32.79 -11.58 1.54
C GLY B 60 -33.99 -12.02 0.69
N THR B 61 -34.05 -11.54 -0.55
CA THR B 61 -35.03 -12.07 -1.49
C THR B 61 -34.61 -13.49 -1.84
N GLU B 62 -35.63 -14.34 -2.05
CA GLU B 62 -35.43 -15.77 -2.28
C GLU B 62 -34.99 -16.03 -3.72
N VAL B 63 -33.82 -16.65 -3.87
CA VAL B 63 -33.24 -16.93 -5.17
C VAL B 63 -33.64 -18.34 -5.58
N LYS B 64 -34.36 -18.46 -6.72
CA LYS B 64 -34.94 -19.72 -7.16
C LYS B 64 -34.08 -20.40 -8.21
N ALA B 65 -34.07 -21.72 -8.19
CA ALA B 65 -33.27 -22.49 -9.13
C ALA B 65 -33.95 -22.49 -10.49
N ILE B 66 -33.19 -22.15 -11.54
CA ILE B 66 -33.76 -21.81 -12.83
C ILE B 66 -34.41 -23.03 -13.49
N ALA B 67 -33.82 -24.22 -13.28
CA ALA B 67 -34.40 -25.43 -13.83
C ALA B 67 -34.25 -26.58 -12.81
N ASP B 68 -34.40 -27.82 -13.30
CA ASP B 68 -34.21 -29.00 -12.49
C ASP B 68 -32.71 -29.35 -12.49
N GLY B 69 -32.22 -29.77 -11.31
CA GLY B 69 -30.83 -30.23 -11.25
C GLY B 69 -30.39 -30.48 -9.81
N ARG B 70 -29.07 -30.64 -9.63
CA ARG B 70 -28.52 -31.00 -8.32
C ARG B 70 -27.56 -29.88 -7.90
N VAL B 71 -27.55 -29.56 -6.59
CA VAL B 71 -26.63 -28.55 -6.09
C VAL B 71 -25.22 -29.15 -5.98
N ILE B 72 -24.25 -28.61 -6.70
CA ILE B 72 -22.94 -29.21 -6.70
C ILE B 72 -21.98 -28.38 -5.87
N LEU B 73 -22.41 -27.18 -5.46
CA LEU B 73 -21.48 -26.36 -4.71
C LEU B 73 -22.25 -25.25 -4.01
N ALA B 74 -21.76 -24.92 -2.81
CA ALA B 74 -22.26 -23.81 -2.04
C ALA B 74 -21.16 -23.27 -1.13
N ASP B 75 -20.27 -22.46 -1.71
CA ASP B 75 -19.13 -21.96 -0.94
C ASP B 75 -18.92 -20.47 -1.21
N TRP B 76 -18.08 -19.89 -0.36
CA TRP B 76 -17.98 -18.46 -0.26
C TRP B 76 -16.77 -17.96 -1.02
N LEU B 77 -16.97 -17.24 -2.13
CA LEU B 77 -15.87 -16.88 -3.00
C LEU B 77 -15.58 -15.39 -2.91
N GLN B 78 -14.31 -15.11 -2.63
CA GLN B 78 -13.83 -13.74 -2.61
C GLN B 78 -14.44 -13.03 -3.82
N GLY B 79 -15.07 -11.89 -3.55
CA GLY B 79 -15.68 -11.10 -4.60
C GLY B 79 -17.15 -11.44 -4.74
N TYR B 80 -17.44 -12.73 -4.97
CA TYR B 80 -18.77 -13.13 -5.38
C TYR B 80 -19.60 -13.58 -4.20
N GLY B 81 -19.09 -13.36 -2.97
CA GLY B 81 -19.90 -13.69 -1.81
C GLY B 81 -20.22 -15.17 -1.80
N LEU B 82 -21.33 -15.59 -1.19
CA LEU B 82 -21.62 -17.02 -1.13
C LEU B 82 -22.28 -17.41 -2.44
N VAL B 83 -21.77 -18.50 -3.02
CA VAL B 83 -22.11 -18.87 -4.38
C VAL B 83 -22.58 -20.30 -4.43
N VAL B 84 -23.82 -20.46 -4.88
CA VAL B 84 -24.37 -21.79 -5.11
C VAL B 84 -24.22 -22.11 -6.59
N VAL B 85 -24.07 -23.40 -6.89
CA VAL B 85 -23.96 -23.82 -8.28
C VAL B 85 -24.80 -25.08 -8.48
N VAL B 86 -25.60 -25.07 -9.54
CA VAL B 86 -26.52 -26.17 -9.79
C VAL B 86 -26.24 -26.79 -11.15
N GLU B 87 -26.01 -28.10 -11.13
CA GLU B 87 -25.78 -28.90 -12.32
C GLU B 87 -27.13 -29.35 -12.85
N HIS B 88 -27.32 -29.21 -14.17
CA HIS B 88 -28.55 -29.66 -14.82
C HIS B 88 -28.27 -30.82 -15.78
N GLY B 89 -26.99 -31.16 -16.00
CA GLY B 89 -26.59 -32.21 -16.92
C GLY B 89 -25.80 -31.63 -18.08
N LYS B 90 -25.01 -32.48 -18.77
CA LYS B 90 -24.21 -32.12 -19.92
C LYS B 90 -22.93 -31.35 -19.54
N GLY B 91 -22.90 -30.76 -18.33
CA GLY B 91 -21.99 -29.66 -18.04
C GLY B 91 -22.67 -28.32 -18.32
N ASP B 92 -24.00 -28.35 -18.21
CA ASP B 92 -24.87 -27.18 -18.11
C ASP B 92 -25.14 -26.90 -16.63
N MET B 93 -24.76 -25.70 -16.18
CA MET B 93 -24.95 -25.38 -14.77
C MET B 93 -25.24 -23.90 -14.61
N SER B 94 -25.94 -23.61 -13.52
CA SER B 94 -26.30 -22.26 -13.17
C SER B 94 -25.58 -21.85 -11.90
N LEU B 95 -25.11 -20.60 -11.85
CA LEU B 95 -24.42 -20.08 -10.68
C LEU B 95 -25.18 -18.90 -10.10
N TYR B 96 -25.15 -18.81 -8.77
CA TYR B 96 -25.83 -17.76 -8.05
C TYR B 96 -24.93 -17.23 -6.93
N GLY B 97 -24.53 -15.96 -7.05
CA GLY B 97 -23.61 -15.34 -6.13
C GLY B 97 -24.16 -14.05 -5.52
N TYR B 98 -23.39 -13.45 -4.61
CA TYR B 98 -23.80 -12.29 -3.82
C TYR B 98 -24.81 -12.68 -2.73
N ASN B 99 -24.97 -14.00 -2.48
CA ASN B 99 -26.00 -14.48 -1.57
C ASN B 99 -25.48 -14.40 -0.13
N GLN B 100 -26.38 -14.22 0.84
CA GLN B 100 -25.97 -14.11 2.24
C GLN B 100 -25.91 -15.50 2.85
N SER B 101 -26.65 -16.42 2.20
CA SER B 101 -27.10 -17.66 2.80
C SER B 101 -27.69 -18.55 1.71
N ALA B 102 -27.42 -19.84 1.82
CA ALA B 102 -28.01 -20.84 0.94
C ALA B 102 -29.10 -21.63 1.69
N LEU B 103 -30.01 -22.20 0.91
CA LEU B 103 -31.15 -22.93 1.45
C LEU B 103 -31.04 -24.36 0.96
N VAL B 104 -29.82 -24.82 0.68
CA VAL B 104 -29.62 -26.23 0.36
C VAL B 104 -28.14 -26.54 0.52
N SER B 105 -27.82 -27.84 0.43
CA SER B 105 -26.49 -28.32 0.73
C SER B 105 -25.99 -29.19 -0.41
N VAL B 106 -24.69 -29.10 -0.67
CA VAL B 106 -24.17 -29.84 -1.80
C VAL B 106 -24.83 -31.21 -1.82
N GLY B 107 -25.04 -31.78 -3.01
CA GLY B 107 -25.72 -33.06 -3.15
C GLY B 107 -27.25 -32.95 -3.30
N THR B 108 -27.90 -31.97 -2.62
CA THR B 108 -29.35 -31.87 -2.70
C THR B 108 -29.83 -31.82 -4.16
N GLN B 109 -31.02 -32.41 -4.40
CA GLN B 109 -31.72 -32.29 -5.67
C GLN B 109 -32.75 -31.16 -5.58
N VAL B 110 -32.69 -30.23 -6.56
CA VAL B 110 -33.56 -29.07 -6.63
C VAL B 110 -34.34 -29.07 -7.94
N ARG B 111 -35.66 -28.85 -7.85
CA ARG B 111 -36.50 -28.70 -9.02
C ARG B 111 -36.71 -27.22 -9.28
N ALA B 112 -36.65 -26.85 -10.57
CA ALA B 112 -36.94 -25.50 -11.04
C ALA B 112 -37.95 -24.84 -10.12
N GLY B 113 -37.70 -23.57 -9.77
CA GLY B 113 -38.62 -22.83 -8.93
C GLY B 113 -38.21 -22.92 -7.46
N GLN B 114 -37.64 -24.06 -7.07
CA GLN B 114 -37.22 -24.29 -5.69
C GLN B 114 -36.28 -23.18 -5.24
N PRO B 115 -36.51 -22.52 -4.08
CA PRO B 115 -35.60 -21.49 -3.57
C PRO B 115 -34.37 -22.15 -2.98
N ILE B 116 -33.21 -21.67 -3.44
CA ILE B 116 -31.91 -22.27 -3.16
C ILE B 116 -31.02 -21.26 -2.45
N ALA B 117 -31.31 -19.96 -2.51
CA ALA B 117 -30.49 -19.03 -1.75
C ALA B 117 -31.27 -17.80 -1.31
N LEU B 118 -30.59 -16.93 -0.58
CA LEU B 118 -31.15 -15.63 -0.23
C LEU B 118 -30.16 -14.53 -0.59
N VAL B 119 -30.67 -13.51 -1.30
CA VAL B 119 -29.80 -12.46 -1.81
C VAL B 119 -29.16 -11.74 -0.64
N GLY B 120 -27.97 -11.15 -0.85
CA GLY B 120 -27.42 -10.21 0.10
C GLY B 120 -26.81 -9.03 -0.65
N SER B 121 -25.70 -8.50 -0.09
CA SER B 121 -24.77 -7.70 -0.88
C SER B 121 -23.40 -8.39 -0.93
N SER B 122 -23.40 -9.74 -0.74
CA SER B 122 -22.22 -10.47 -0.30
C SER B 122 -21.11 -10.51 -1.35
N GLY B 123 -21.44 -10.07 -2.57
CA GLY B 123 -20.46 -9.53 -3.50
C GLY B 123 -20.88 -8.16 -4.01
N GLY B 124 -22.21 -7.94 -4.04
CA GLY B 124 -22.79 -6.67 -4.44
C GLY B 124 -21.92 -5.51 -4.00
N GLN B 125 -21.44 -5.56 -2.75
CA GLN B 125 -20.71 -4.43 -2.16
C GLN B 125 -21.69 -3.27 -1.98
N GLY B 126 -22.07 -2.64 -3.12
CA GLY B 126 -22.75 -1.37 -3.15
C GLY B 126 -24.27 -1.45 -3.07
N ARG B 127 -24.90 -2.57 -3.50
CA ARG B 127 -26.37 -2.65 -3.56
C ARG B 127 -26.87 -4.08 -3.64
N PRO B 128 -27.74 -4.54 -2.70
CA PRO B 128 -28.36 -5.86 -2.78
C PRO B 128 -28.63 -6.38 -4.18
N SER B 129 -28.10 -7.58 -4.49
CA SER B 129 -28.13 -8.08 -5.87
C SER B 129 -27.83 -9.58 -5.96
N LEU B 130 -28.05 -10.14 -7.15
CA LEU B 130 -27.73 -11.53 -7.45
C LEU B 130 -26.79 -11.53 -8.62
N TYR B 131 -25.68 -12.27 -8.48
CA TYR B 131 -24.80 -12.60 -9.60
C TYR B 131 -25.29 -13.92 -10.20
N PHE B 132 -25.90 -13.85 -11.37
CA PHE B 132 -26.42 -15.06 -11.98
C PHE B 132 -25.70 -15.35 -13.28
N GLU B 133 -25.26 -16.59 -13.45
CA GLU B 133 -24.41 -16.92 -14.58
C GLU B 133 -24.84 -18.30 -15.06
N ILE B 134 -24.85 -18.51 -16.39
CA ILE B 134 -24.99 -19.86 -16.87
C ILE B 134 -23.70 -20.25 -17.58
N ARG B 135 -23.31 -21.51 -17.32
CA ARG B 135 -22.22 -22.16 -18.03
C ARG B 135 -22.79 -23.37 -18.75
N ARG B 136 -22.44 -23.48 -20.03
CA ARG B 136 -22.83 -24.60 -20.89
C ARG B 136 -21.51 -25.17 -21.43
N GLN B 137 -21.30 -26.49 -21.31
CA GLN B 137 -19.98 -27.05 -21.47
C GLN B 137 -19.04 -26.31 -20.54
N GLY B 138 -19.49 -26.16 -19.28
CA GLY B 138 -18.78 -25.39 -18.27
C GLY B 138 -18.26 -24.03 -18.76
N GLN B 139 -18.83 -23.52 -19.87
CA GLN B 139 -18.39 -22.27 -20.48
C GLN B 139 -19.50 -21.21 -20.40
N ALA B 140 -19.13 -20.03 -19.89
CA ALA B 140 -20.10 -19.03 -19.47
C ALA B 140 -20.79 -18.44 -20.68
N VAL B 141 -22.13 -18.53 -20.74
CA VAL B 141 -22.87 -17.97 -21.85
C VAL B 141 -23.81 -16.88 -21.32
N ASN B 142 -24.42 -16.11 -22.25
CA ASN B 142 -25.49 -15.20 -21.91
C ASN B 142 -26.70 -15.98 -21.42
N PRO B 143 -27.18 -15.76 -20.18
CA PRO B 143 -28.27 -16.53 -19.59
C PRO B 143 -29.68 -16.15 -20.04
N GLN B 144 -29.84 -14.86 -20.36
CA GLN B 144 -31.13 -14.23 -20.62
C GLN B 144 -32.08 -15.12 -21.44
N PRO B 145 -31.64 -15.65 -22.61
CA PRO B 145 -32.50 -16.49 -23.46
C PRO B 145 -33.12 -17.75 -22.84
N TRP B 146 -32.62 -18.12 -21.66
CA TRP B 146 -33.19 -19.23 -20.91
C TRP B 146 -34.30 -18.70 -20.04
N LEU B 147 -34.08 -17.52 -19.47
CA LEU B 147 -35.04 -16.94 -18.55
C LEU B 147 -36.35 -16.68 -19.29
N GLY B 148 -37.40 -17.45 -18.95
CA GLY B 148 -38.74 -17.25 -19.46
C GLY B 148 -39.62 -16.52 -18.47
N ARG B 149 -40.80 -17.09 -18.20
CA ARG B 149 -41.48 -16.88 -16.93
C ARG B 149 -40.52 -17.40 -15.86
N ASP C 2 11.85 25.36 -5.50
CA ASP C 2 12.78 25.92 -4.47
C ASP C 2 12.43 25.29 -3.12
N LYS C 3 13.33 24.45 -2.60
CA LYS C 3 13.00 23.44 -1.62
C LYS C 3 13.11 23.97 -0.18
N ILE C 4 12.27 23.40 0.71
CA ILE C 4 12.28 23.74 2.13
C ILE C 4 13.29 22.82 2.83
N VAL C 5 14.22 23.44 3.57
CA VAL C 5 15.38 22.74 4.10
C VAL C 5 15.15 22.43 5.57
N ILE C 6 15.10 21.13 5.87
CA ILE C 6 14.83 20.63 7.20
C ILE C 6 16.09 20.03 7.81
N ALA C 7 16.63 20.73 8.82
CA ALA C 7 17.69 20.16 9.64
C ALA C 7 17.07 19.10 10.55
N ILE C 8 17.63 17.90 10.48
CA ILE C 8 17.30 16.78 11.33
C ILE C 8 18.49 16.56 12.25
N ASP C 9 18.20 16.68 13.53
CA ASP C 9 19.25 16.70 14.53
C ASP C 9 19.07 15.46 15.38
N ALA C 10 19.87 14.43 15.08
CA ALA C 10 19.86 13.21 15.88
C ALA C 10 20.46 13.50 17.26
N GLY C 11 19.65 13.42 18.32
CA GLY C 11 20.12 13.83 19.63
C GLY C 11 21.27 12.95 20.13
N HIS C 12 22.17 13.58 20.89
CA HIS C 12 23.27 12.91 21.57
C HIS C 12 24.22 12.35 20.51
N GLY C 13 25.32 11.72 20.93
CA GLY C 13 26.22 11.13 19.96
C GLY C 13 27.58 10.80 20.56
N GLY C 14 28.32 9.92 19.86
CA GLY C 14 29.64 9.44 20.25
C GLY C 14 29.78 9.18 21.75
N GLN C 15 30.61 10.02 22.41
CA GLN C 15 30.88 9.81 23.82
C GLN C 15 29.62 9.91 24.68
N ASP C 16 28.62 10.73 24.27
CA ASP C 16 27.37 10.86 25.01
C ASP C 16 26.32 9.98 24.36
N PRO C 17 25.81 8.97 25.08
CA PRO C 17 24.88 8.00 24.51
C PRO C 17 23.42 8.41 24.65
N GLY C 18 23.23 9.47 25.46
CA GLY C 18 21.92 9.87 25.92
C GLY C 18 21.44 8.92 27.00
N ALA C 19 20.13 8.65 27.02
CA ALA C 19 19.58 7.73 27.99
C ALA C 19 19.72 6.30 27.47
N ILE C 20 20.05 5.39 28.38
CA ILE C 20 20.13 3.98 28.05
C ILE C 20 18.95 3.28 28.71
N GLY C 21 18.31 2.41 27.92
CA GLY C 21 17.15 1.68 28.41
C GLY C 21 17.54 0.56 29.36
N PRO C 22 16.55 -0.04 30.07
CA PRO C 22 16.79 -1.25 30.84
C PRO C 22 17.29 -2.42 30.00
N GLY C 23 16.95 -2.41 28.71
CA GLY C 23 17.48 -3.39 27.77
C GLY C 23 18.83 -2.98 27.18
N GLY C 24 19.37 -1.82 27.60
CA GLY C 24 20.70 -1.42 27.15
C GLY C 24 20.74 -0.68 25.81
N THR C 25 19.57 -0.35 25.22
CA THR C 25 19.42 0.46 24.02
C THR C 25 19.84 1.89 24.31
N ARG C 26 20.59 2.52 23.39
CA ARG C 26 21.19 3.82 23.63
C ARG C 26 20.46 4.91 22.82
N GLU C 27 20.01 5.97 23.50
CA GLU C 27 19.27 7.06 22.87
C GLU C 27 19.90 7.40 21.51
N LYS C 28 21.22 7.66 21.53
CA LYS C 28 21.92 8.15 20.35
C LYS C 28 21.69 7.24 19.13
N ASN C 29 21.69 5.91 19.34
CA ASN C 29 21.63 5.00 18.22
C ASN C 29 20.18 4.88 17.74
N VAL C 30 19.22 5.35 18.55
CA VAL C 30 17.83 5.47 18.12
C VAL C 30 17.70 6.74 17.29
N THR C 31 18.06 7.86 17.93
CA THR C 31 17.77 9.16 17.32
C THR C 31 18.31 9.17 15.89
N ILE C 32 19.57 8.77 15.68
CA ILE C 32 20.17 8.82 14.35
C ILE C 32 19.44 7.88 13.37
N ALA C 33 19.02 6.70 13.86
CA ALA C 33 18.40 5.71 12.99
C ALA C 33 17.04 6.21 12.54
N ILE C 34 16.36 6.99 13.40
CA ILE C 34 15.13 7.69 13.00
C ILE C 34 15.46 8.80 11.99
N ALA C 35 16.38 9.67 12.41
CA ALA C 35 16.77 10.82 11.60
C ALA C 35 17.10 10.40 10.17
N ARG C 36 17.77 9.24 9.96
CA ARG C 36 18.06 8.84 8.60
C ARG C 36 16.79 8.47 7.82
N LYS C 37 15.86 7.79 8.49
CA LYS C 37 14.59 7.46 7.87
C LYS C 37 13.82 8.73 7.51
N LEU C 38 13.91 9.73 8.40
CA LEU C 38 13.30 11.03 8.13
C LEU C 38 13.99 11.74 6.96
N ARG C 39 15.32 11.75 6.92
CA ARG C 39 16.03 12.35 5.79
C ARG C 39 15.54 11.65 4.52
N THR C 40 15.45 10.31 4.53
CA THR C 40 15.05 9.61 3.32
C THR C 40 13.66 10.08 2.88
N LEU C 41 12.72 10.15 3.84
CA LEU C 41 11.35 10.54 3.53
C LEU C 41 11.25 11.99 3.06
N LEU C 42 12.11 12.88 3.60
CA LEU C 42 12.12 14.29 3.18
C LEU C 42 12.79 14.46 1.81
N ASN C 43 13.97 13.88 1.59
CA ASN C 43 14.64 14.01 0.29
C ASN C 43 13.82 13.37 -0.82
N ALA C 44 13.00 12.36 -0.46
CA ALA C 44 12.01 11.80 -1.39
C ALA C 44 11.01 12.86 -1.84
N ASP C 45 10.66 13.82 -0.98
CA ASP C 45 9.58 14.76 -1.25
C ASP C 45 10.12 16.03 -1.92
N PRO C 46 9.66 16.37 -3.16
CA PRO C 46 10.26 17.48 -3.91
C PRO C 46 10.10 18.83 -3.23
N MET C 47 9.20 18.89 -2.23
CA MET C 47 8.95 20.10 -1.46
C MET C 47 10.11 20.35 -0.49
N PHE C 48 10.76 19.25 -0.08
CA PHE C 48 11.72 19.30 1.01
C PHE C 48 13.11 18.83 0.60
N LYS C 49 14.09 19.32 1.36
CA LYS C 49 15.40 18.70 1.43
C LYS C 49 15.70 18.47 2.90
N GLY C 50 15.99 17.20 3.24
CA GLY C 50 16.36 16.82 4.59
C GLY C 50 17.87 16.73 4.77
N VAL C 51 18.41 17.39 5.80
CA VAL C 51 19.85 17.41 6.02
C VAL C 51 20.13 17.11 7.48
N LEU C 52 21.31 16.57 7.80
CA LEU C 52 21.60 16.09 9.13
C LEU C 52 22.55 17.05 9.88
N THR C 53 22.22 17.35 11.15
CA THR C 53 23.20 18.06 11.97
C THR C 53 24.25 17.06 12.48
N ARG C 54 23.85 15.80 12.67
CA ARG C 54 24.80 14.78 13.06
C ARG C 54 24.62 13.64 12.06
N ASP C 55 25.75 13.26 11.43
CA ASP C 55 25.78 12.33 10.31
C ASP C 55 26.73 11.20 10.63
N GLY C 56 26.88 10.93 11.93
CA GLY C 56 27.63 9.77 12.40
C GLY C 56 27.57 9.62 13.91
N ASP C 57 28.22 8.57 14.41
CA ASP C 57 28.42 8.36 15.83
C ASP C 57 29.67 9.11 16.27
N TYR C 58 29.45 10.38 16.63
CA TYR C 58 30.45 11.24 17.25
C TYR C 58 29.76 12.17 18.24
N PHE C 59 30.57 12.85 19.06
CA PHE C 59 29.99 13.89 19.91
C PHE C 59 29.92 15.16 19.09
N ILE C 60 28.87 15.95 19.33
CA ILE C 60 28.75 17.28 18.72
C ILE C 60 27.97 18.20 19.65
N SER C 61 28.54 19.39 19.88
CA SER C 61 27.97 20.30 20.86
C SER C 61 26.70 20.93 20.32
N VAL C 62 25.86 21.37 21.26
CA VAL C 62 24.65 22.07 20.92
C VAL C 62 24.94 23.13 19.86
N MET C 63 25.83 24.08 20.18
CA MET C 63 26.24 25.10 19.22
C MET C 63 26.51 24.46 17.86
N GLY C 64 27.31 23.39 17.84
CA GLY C 64 27.76 22.76 16.60
C GLY C 64 26.62 22.27 15.71
N ARG C 65 25.59 21.71 16.36
CA ARG C 65 24.39 21.29 15.63
C ARG C 65 23.67 22.50 15.03
N SER C 66 23.76 23.66 15.70
CA SER C 66 23.31 24.93 15.12
C SER C 66 24.17 25.24 13.90
N ASP C 67 25.48 25.37 14.11
CA ASP C 67 26.39 25.83 13.07
C ASP C 67 26.25 24.97 11.81
N VAL C 68 25.94 23.67 11.97
CA VAL C 68 25.74 22.83 10.80
C VAL C 68 24.42 23.18 10.08
N ALA C 69 23.34 23.38 10.84
CA ALA C 69 22.05 23.73 10.27
C ALA C 69 22.14 25.11 9.58
N ARG C 70 22.87 26.05 10.19
CA ARG C 70 23.11 27.35 9.59
C ARG C 70 23.93 27.16 8.33
N LYS C 71 25.03 26.40 8.42
CA LYS C 71 25.90 26.20 7.26
C LYS C 71 25.18 25.40 6.17
N GLN C 72 24.07 24.72 6.47
CA GLN C 72 23.29 24.08 5.42
C GLN C 72 22.07 24.92 5.01
N ASN C 73 22.04 26.21 5.39
CA ASN C 73 20.89 27.08 5.13
C ASN C 73 19.59 26.35 5.49
N ALA C 74 19.46 25.93 6.75
CA ALA C 74 18.24 25.25 7.15
C ALA C 74 17.14 26.28 7.36
N ASN C 75 15.94 25.97 6.85
CA ASN C 75 14.77 26.81 7.02
C ASN C 75 14.03 26.38 8.29
N PHE C 76 14.23 25.13 8.73
CA PHE C 76 13.57 24.67 9.95
C PHE C 76 14.36 23.53 10.58
N LEU C 77 14.27 23.39 11.91
CA LEU C 77 15.04 22.34 12.57
C LEU C 77 14.16 21.44 13.46
N VAL C 78 14.45 20.13 13.36
CA VAL C 78 13.79 19.08 14.12
C VAL C 78 14.85 18.32 14.88
N SER C 79 14.84 18.42 16.21
CA SER C 79 15.70 17.56 17.01
C SER C 79 14.93 16.30 17.37
N ILE C 80 15.62 15.16 17.35
CA ILE C 80 14.97 13.91 17.70
C ILE C 80 15.63 13.38 18.97
N HIS C 81 14.79 13.00 19.96
CA HIS C 81 15.30 12.45 21.20
C HIS C 81 14.42 11.29 21.70
N ALA C 82 14.93 10.64 22.74
CA ALA C 82 14.14 9.77 23.58
C ALA C 82 14.08 10.36 24.99
N ASP C 83 12.86 10.41 25.53
CA ASP C 83 12.59 10.79 26.91
C ASP C 83 13.00 9.62 27.79
N ALA C 84 13.19 9.89 29.07
CA ALA C 84 13.43 8.86 30.06
C ALA C 84 13.11 9.43 31.44
N ALA C 85 12.29 8.72 32.23
CA ALA C 85 11.88 9.29 33.50
C ALA C 85 12.34 8.39 34.65
N PRO C 86 12.29 8.88 35.92
CA PRO C 86 12.32 7.99 37.08
C PRO C 86 11.10 7.07 37.07
N ASN C 87 9.92 7.67 36.85
CA ASN C 87 8.65 6.97 36.72
C ASN C 87 8.68 6.08 35.47
N ARG C 88 9.07 4.80 35.64
CA ARG C 88 9.41 3.96 34.50
C ARG C 88 8.18 3.52 33.71
N SER C 89 6.98 3.77 34.25
CA SER C 89 5.73 3.53 33.53
C SER C 89 5.26 4.80 32.80
N ALA C 90 6.00 5.91 32.95
CA ALA C 90 5.72 7.08 32.14
C ALA C 90 6.20 6.79 30.72
N THR C 91 5.26 6.98 29.78
CA THR C 91 5.41 6.67 28.37
C THR C 91 4.91 7.84 27.54
N GLY C 92 5.27 7.84 26.26
CA GLY C 92 4.53 8.62 25.28
C GLY C 92 5.35 9.73 24.64
N ALA C 93 4.97 10.06 23.40
CA ALA C 93 5.69 11.08 22.66
C ALA C 93 5.47 12.45 23.29
N SER C 94 6.44 13.35 23.14
CA SER C 94 6.31 14.72 23.61
C SER C 94 6.90 15.63 22.55
N VAL C 95 6.45 16.88 22.49
CA VAL C 95 7.06 17.82 21.56
C VAL C 95 7.30 19.17 22.23
N TRP C 96 8.51 19.67 21.97
CA TRP C 96 9.00 20.88 22.59
C TRP C 96 9.23 21.94 21.52
N VAL C 97 8.89 23.18 21.87
CA VAL C 97 9.19 24.30 20.99
C VAL C 97 10.17 25.22 21.71
N LEU C 98 11.25 25.53 20.96
CA LEU C 98 12.49 26.05 21.52
C LEU C 98 12.66 27.48 21.03
N SER C 99 13.68 28.19 21.55
CA SER C 99 13.66 29.64 21.46
C SER C 99 15.05 30.23 21.72
N ASN C 100 15.03 31.43 22.34
CA ASN C 100 16.21 32.22 22.66
C ASN C 100 16.15 32.65 24.13
N TYR C 136 13.75 52.16 17.77
CA TYR C 136 13.74 50.75 18.22
C TYR C 136 13.57 49.83 17.00
N LEU C 137 14.71 49.39 16.42
CA LEU C 137 14.70 48.65 15.16
C LEU C 137 15.54 47.37 15.28
N SER C 138 16.83 47.54 15.62
CA SER C 138 17.79 46.45 15.76
C SER C 138 17.12 45.26 16.45
N GLN C 139 16.60 45.51 17.66
CA GLN C 139 15.93 44.46 18.41
C GLN C 139 14.64 44.09 17.71
N ALA C 140 13.82 45.09 17.34
CA ALA C 140 12.46 44.88 16.87
C ALA C 140 12.41 43.81 15.78
N VAL C 141 13.39 43.81 14.87
CA VAL C 141 13.43 42.84 13.78
C VAL C 141 13.58 41.40 14.34
N LEU C 142 14.56 41.24 15.23
CA LEU C 142 14.83 39.95 15.87
C LEU C 142 13.59 39.54 16.65
N ASP C 143 12.91 40.54 17.22
CA ASP C 143 11.78 40.34 18.10
C ASP C 143 10.54 39.95 17.31
N LEU C 144 10.47 40.35 16.02
CA LEU C 144 9.43 39.83 15.14
C LEU C 144 9.79 38.39 14.75
N GLN C 145 11.05 38.18 14.31
CA GLN C 145 11.45 36.87 13.83
C GLN C 145 11.27 35.79 14.91
N PHE C 146 11.70 36.10 16.14
CA PHE C 146 11.42 35.30 17.31
C PHE C 146 9.95 34.89 17.28
N GLY C 147 9.09 35.91 17.18
CA GLY C 147 7.65 35.74 17.10
C GLY C 147 7.22 34.73 16.04
N HIS C 148 7.71 34.90 14.81
CA HIS C 148 7.35 33.98 13.73
C HIS C 148 7.83 32.57 14.02
N SER C 149 9.14 32.45 14.27
CA SER C 149 9.77 31.20 14.67
C SER C 149 8.89 30.46 15.66
N GLN C 150 8.67 31.10 16.81
CA GLN C 150 7.93 30.50 17.91
C GLN C 150 6.58 29.96 17.44
N ARG C 151 5.97 30.66 16.45
CA ARG C 151 4.63 30.32 15.99
C ARG C 151 4.71 29.11 15.08
N VAL C 152 5.48 29.26 13.99
CA VAL C 152 5.65 28.14 13.06
C VAL C 152 6.01 26.89 13.84
N GLY C 153 7.01 27.02 14.73
CA GLY C 153 7.36 25.97 15.67
C GLY C 153 6.11 25.30 16.24
N TYR C 154 5.32 26.08 16.99
CA TYR C 154 4.19 25.52 17.69
C TYR C 154 3.23 24.84 16.70
N ASP C 155 2.93 25.50 15.58
CA ASP C 155 2.01 24.93 14.61
C ASP C 155 2.53 23.58 14.12
N VAL C 156 3.83 23.52 13.83
CA VAL C 156 4.46 22.29 13.36
C VAL C 156 4.36 21.21 14.44
N ALA C 157 4.64 21.60 15.69
CA ALA C 157 4.52 20.72 16.83
C ALA C 157 3.11 20.11 16.91
N THR C 158 2.10 20.98 16.92
CA THR C 158 0.71 20.56 16.80
C THR C 158 0.59 19.49 15.72
N ASN C 159 0.85 19.89 14.46
CA ASN C 159 0.76 18.95 13.35
C ASN C 159 1.36 17.61 13.75
N MET C 160 2.61 17.63 14.26
CA MET C 160 3.40 16.43 14.53
C MET C 160 2.70 15.56 15.58
N LEU C 161 2.37 16.14 16.73
CA LEU C 161 1.67 15.41 17.77
C LEU C 161 0.46 14.74 17.13
N GLY C 162 -0.24 15.52 16.28
CA GLY C 162 -1.34 15.00 15.50
C GLY C 162 -1.08 13.58 14.99
N GLN C 163 0.07 13.41 14.33
CA GLN C 163 0.44 12.15 13.70
C GLN C 163 0.96 11.17 14.74
N LEU C 164 1.76 11.67 15.69
CA LEU C 164 2.35 10.81 16.70
C LEU C 164 1.24 10.06 17.46
N GLU C 165 0.17 10.80 17.80
CA GLU C 165 -0.94 10.21 18.54
C GLU C 165 -1.61 9.12 17.69
N ARG C 166 -1.33 9.06 16.38
CA ARG C 166 -1.88 7.99 15.57
C ARG C 166 -1.10 6.70 15.80
N ILE C 167 0.19 6.78 16.14
CA ILE C 167 1.02 5.57 16.19
C ILE C 167 1.38 5.20 17.63
N GLY C 168 1.34 6.18 18.54
CA GLY C 168 1.57 5.92 19.95
C GLY C 168 0.58 6.70 20.81
N SER C 169 0.94 6.90 22.08
CA SER C 169 0.25 7.87 22.91
C SER C 169 1.20 9.02 23.22
N LEU C 170 0.60 10.13 23.67
CA LEU C 170 1.36 11.34 23.95
C LEU C 170 1.48 11.47 25.46
N HIS C 171 2.70 11.75 25.91
CA HIS C 171 2.94 12.08 27.30
C HIS C 171 2.54 13.54 27.54
N LYS C 172 2.38 14.31 26.45
CA LYS C 172 1.95 15.70 26.52
C LYS C 172 1.23 16.05 25.23
N ARG C 173 -0.05 16.41 25.36
CA ARG C 173 -0.97 16.54 24.24
C ARG C 173 -0.71 17.86 23.52
N ARG C 174 -0.14 18.80 24.26
CA ARG C 174 0.12 20.13 23.78
C ARG C 174 1.63 20.26 23.61
N PRO C 175 2.09 21.13 22.69
CA PRO C 175 3.51 21.47 22.59
C PRO C 175 4.05 22.24 23.80
N GLU C 176 5.15 21.77 24.40
CA GLU C 176 5.68 22.41 25.59
C GLU C 176 6.75 23.43 25.17
N HIS C 177 6.64 24.66 25.67
CA HIS C 177 7.62 25.69 25.35
C HIS C 177 8.84 25.41 26.23
N ALA C 178 10.06 25.70 25.75
CA ALA C 178 11.23 25.73 26.62
C ALA C 178 12.51 25.90 25.81
N SER C 179 13.63 26.31 26.43
CA SER C 179 14.84 26.57 25.67
C SER C 179 16.12 26.20 26.44
N LEU C 180 16.27 24.91 26.77
CA LEU C 180 17.56 24.35 27.21
C LEU C 180 18.34 23.98 25.95
N GLY C 181 18.09 22.77 25.42
CA GLY C 181 18.99 22.11 24.48
C GLY C 181 18.99 22.68 23.05
N VAL C 182 18.18 23.70 22.78
CA VAL C 182 18.31 24.48 21.54
C VAL C 182 18.51 25.96 21.88
N LEU C 183 18.36 26.34 23.16
CA LEU C 183 19.04 27.49 23.76
C LEU C 183 18.65 28.83 23.13
N ARG C 184 18.81 28.95 21.79
CA ARG C 184 19.11 30.22 21.14
C ARG C 184 19.18 30.08 19.62
N SER C 185 18.13 29.52 18.99
CA SER C 185 17.95 29.60 17.53
C SER C 185 16.71 30.41 17.21
N PRO C 186 16.74 31.76 17.32
CA PRO C 186 15.53 32.57 17.15
C PRO C 186 15.22 32.84 15.69
N ASP C 187 16.21 32.61 14.81
CA ASP C 187 16.07 32.94 13.41
C ASP C 187 15.53 31.74 12.63
N ILE C 188 15.90 30.51 13.05
CA ILE C 188 15.47 29.27 12.41
C ILE C 188 14.51 28.55 13.35
N PRO C 189 13.21 28.41 13.00
CA PRO C 189 12.24 27.72 13.86
C PRO C 189 12.61 26.27 14.12
N SER C 190 12.26 25.79 15.31
CA SER C 190 12.78 24.50 15.79
C SER C 190 11.72 23.75 16.59
N VAL C 191 11.79 22.41 16.54
CA VAL C 191 11.05 21.58 17.47
C VAL C 191 11.96 20.48 18.02
N LEU C 192 11.67 20.02 19.24
CA LEU C 192 12.33 18.84 19.78
C LEU C 192 11.27 17.76 19.95
N VAL C 193 11.51 16.59 19.36
CA VAL C 193 10.57 15.49 19.44
C VAL C 193 11.11 14.44 20.40
N GLU C 194 10.44 14.28 21.55
CA GLU C 194 10.72 13.14 22.40
C GLU C 194 9.88 11.98 21.89
N THR C 195 10.54 11.02 21.23
CA THR C 195 9.87 9.99 20.45
C THR C 195 9.14 8.98 21.33
N GLY C 196 9.38 9.03 22.64
CA GLY C 196 8.90 8.00 23.55
C GLY C 196 9.85 7.90 24.75
N PHE C 197 9.56 7.02 25.69
CA PHE C 197 10.36 6.95 26.90
C PHE C 197 11.20 5.68 26.84
N ILE C 198 12.50 5.85 26.58
CA ILE C 198 13.41 4.71 26.44
C ILE C 198 13.61 4.06 27.81
N SER C 199 13.19 4.76 28.87
CA SER C 199 13.11 4.22 30.23
C SER C 199 12.08 3.10 30.33
N ASN C 200 11.03 3.11 29.50
CA ASN C 200 9.93 2.16 29.65
C ASN C 200 10.21 0.88 28.82
N HIS C 201 10.37 -0.24 29.55
CA HIS C 201 10.79 -1.52 28.99
C HIS C 201 10.05 -1.84 27.70
N GLY C 202 8.80 -1.36 27.60
CA GLY C 202 7.99 -1.57 26.41
C GLY C 202 8.43 -0.69 25.25
N GLU C 203 8.36 0.63 25.48
CA GLU C 203 8.63 1.63 24.45
C GLU C 203 10.08 1.53 24.00
N GLU C 204 11.01 1.28 24.92
CA GLU C 204 12.37 0.97 24.54
C GLU C 204 12.38 -0.01 23.34
N ARG C 205 11.62 -1.11 23.47
CA ARG C 205 11.64 -2.14 22.43
C ARG C 205 11.11 -1.59 21.12
N LEU C 206 10.15 -0.63 21.19
CA LEU C 206 9.56 -0.07 19.98
C LEU C 206 10.57 0.89 19.34
N LEU C 207 11.22 1.72 20.16
CA LEU C 207 12.24 2.66 19.73
C LEU C 207 13.48 1.93 19.20
N ALA C 208 13.67 0.66 19.54
CA ALA C 208 14.73 -0.10 18.89
C ALA C 208 14.21 -0.84 17.66
N SER C 209 12.99 -0.51 17.20
CA SER C 209 12.32 -1.28 16.17
C SER C 209 12.44 -0.52 14.85
N ASP C 210 13.15 -1.09 13.86
CA ASP C 210 13.19 -0.50 12.53
C ASP C 210 11.82 0.04 12.15
N GLU C 211 10.82 -0.85 12.20
CA GLU C 211 9.45 -0.52 11.88
C GLU C 211 9.04 0.76 12.59
N TYR C 212 9.20 0.78 13.92
CA TYR C 212 8.60 1.87 14.70
C TYR C 212 9.37 3.16 14.51
N GLN C 213 10.70 3.08 14.40
CA GLN C 213 11.50 4.23 14.00
C GLN C 213 10.97 4.77 12.68
N GLN C 214 10.70 3.86 11.74
CA GLN C 214 10.11 4.25 10.46
C GLN C 214 8.80 4.97 10.75
N ARG C 215 7.94 4.41 11.60
CA ARG C 215 6.63 5.04 11.81
C ARG C 215 6.80 6.43 12.42
N LEU C 216 7.79 6.59 13.32
CA LEU C 216 8.10 7.87 13.93
C LEU C 216 8.57 8.85 12.85
N ALA C 217 9.45 8.38 11.97
CA ALA C 217 9.92 9.23 10.89
C ALA C 217 8.72 9.66 10.05
N GLU C 218 7.87 8.69 9.66
CA GLU C 218 6.70 8.93 8.84
C GLU C 218 5.84 9.99 9.51
N ALA C 219 5.57 9.82 10.81
CA ALA C 219 4.78 10.79 11.54
C ALA C 219 5.45 12.17 11.49
N ILE C 220 6.69 12.25 11.97
CA ILE C 220 7.35 13.54 12.04
C ILE C 220 7.35 14.23 10.67
N TYR C 221 7.45 13.41 9.62
CA TYR C 221 7.46 13.89 8.25
C TYR C 221 6.09 14.45 7.89
N GLN C 222 5.07 13.60 7.94
CA GLN C 222 3.71 14.02 7.61
C GLN C 222 3.40 15.30 8.39
N GLY C 223 3.92 15.38 9.62
CA GLY C 223 3.72 16.57 10.44
C GLY C 223 4.21 17.85 9.74
N LEU C 224 5.43 17.82 9.25
CA LEU C 224 6.02 18.93 8.51
C LEU C 224 5.24 19.14 7.21
N ARG C 225 5.11 18.05 6.45
CA ARG C 225 4.47 18.08 5.15
C ARG C 225 3.16 18.84 5.25
N ASN C 226 2.30 18.40 6.18
CA ASN C 226 0.99 19.01 6.39
C ASN C 226 1.13 20.52 6.58
N TYR C 227 2.09 20.94 7.41
CA TYR C 227 2.24 22.36 7.68
C TYR C 227 2.71 23.08 6.42
N PHE C 228 3.87 22.70 5.87
CA PHE C 228 4.51 23.49 4.83
C PHE C 228 3.71 23.48 3.54
N GLN C 229 3.11 22.31 3.27
CA GLN C 229 2.05 22.18 2.29
C GLN C 229 1.14 23.41 2.36
N ALA C 230 0.60 23.68 3.56
CA ALA C 230 -0.45 24.69 3.72
C ALA C 230 0.15 26.10 3.89
N HIS C 231 1.38 26.22 4.38
CA HIS C 231 2.00 27.53 4.53
C HIS C 231 3.38 27.57 3.87
N PRO C 232 3.54 27.30 2.54
CA PRO C 232 4.87 27.36 1.92
C PRO C 232 5.56 28.69 2.19
N LEU C 233 6.89 28.75 2.01
CA LEU C 233 7.68 29.83 2.61
C LEU C 233 7.57 31.11 1.76
#